data_2WI8
#
_entry.id   2WI8
#
_cell.length_a   54.710
_cell.length_b   54.710
_cell.length_c   177.660
_cell.angle_alpha   90.00
_cell.angle_beta   90.00
_cell.angle_gamma   90.00
#
_symmetry.space_group_name_H-M   'P 41 21 2'
#
loop_
_entity.id
_entity.type
_entity.pdbx_description
1 polymer 'IRON-UPTAKE SYSTEM-BINDING PROTEIN'
2 non-polymer 'CHLORIDE ION'
3 water water
#
_entity_poly.entity_id   1
_entity_poly.type   'polypeptide(L)'
_entity_poly.pdbx_seq_one_letter_code
;MGSKNESTASKASGTASEKKKIEYLDKTYEVTVPTDKIAITGSVESMEDAKLLDVHPQGAISFSGKFPDMFKDITDKAEP
TGEKMEPNIEKILEMKPDVILASTKFPEKTLQKISTAGTTIPVSHISSNWKENMMLLAQLTGKEKKAKKIIADYEQDLKE
TKTKINDKAKDSKALVIRIRQGNIYIYPEQVYFNSTLYGDLGLKAPNEVKAAKAQELISLEKLSEMNPDHIFVQFSDDEN
ADKPDALKDLEKNPIWKSLKAVKEDHVYVNSVDPLAQGGTAWSKVRFLKAAAEKLTQNKLAAALEHHHHHH
;
_entity_poly.pdbx_strand_id   A
#
# COMPACT_ATOMS: atom_id res chain seq x y z
N SER A 17 -21.36 3.77 22.62
CA SER A 17 -21.40 4.31 21.23
C SER A 17 -22.61 5.22 21.00
N GLU A 18 -22.33 6.43 20.54
CA GLU A 18 -23.38 7.38 20.12
C GLU A 18 -23.14 7.63 18.64
N LYS A 19 -24.09 8.25 17.94
CA LYS A 19 -23.82 8.66 16.56
C LYS A 19 -22.99 9.93 16.56
N LYS A 20 -21.82 9.84 15.93
CA LYS A 20 -20.85 10.93 15.87
C LYS A 20 -20.66 11.43 14.44
N LYS A 21 -20.42 12.72 14.31
CA LYS A 21 -20.12 13.33 13.02
C LYS A 21 -18.65 13.12 12.69
N ILE A 22 -18.41 12.64 11.49
CA ILE A 22 -17.07 12.33 11.01
C ILE A 22 -16.85 13.19 9.79
N GLU A 23 -15.77 13.96 9.76
CA GLU A 23 -15.40 14.69 8.56
C GLU A 23 -14.31 13.89 7.87
N TYR A 24 -14.52 13.58 6.61
CA TYR A 24 -13.53 12.82 5.87
C TYR A 24 -13.45 13.35 4.45
N LEU A 25 -12.28 13.90 4.12
CA LEU A 25 -12.02 14.51 2.80
C LEU A 25 -13.12 15.52 2.41
N ASP A 26 -13.40 16.41 3.34
CA ASP A 26 -14.35 17.50 3.14
C ASP A 26 -15.79 17.01 2.91
N LYS A 27 -16.11 15.80 3.38
CA LYS A 27 -17.50 15.33 3.40
C LYS A 27 -17.86 14.89 4.81
N THR A 28 -19.10 15.14 5.18
CA THR A 28 -19.67 14.84 6.48
C THR A 28 -20.42 13.52 6.48
N TYR A 29 -20.13 12.71 7.50
CA TYR A 29 -20.79 11.41 7.67
C TYR A 29 -21.26 11.33 9.11
N GLU A 30 -22.24 10.48 9.37
CA GLU A 30 -22.74 10.27 10.72
C GLU A 30 -22.66 8.79 10.97
N VAL A 31 -21.91 8.38 12.00
CA VAL A 31 -21.67 6.97 12.26
C VAL A 31 -21.74 6.69 13.75
N THR A 32 -22.29 5.53 14.13
CA THR A 32 -22.21 5.04 15.50
C THR A 32 -20.76 4.69 15.89
N VAL A 33 -20.23 5.38 16.91
CA VAL A 33 -18.78 5.36 17.23
C VAL A 33 -18.58 5.31 18.75
N PRO A 34 -17.57 4.56 19.25
CA PRO A 34 -16.64 3.70 18.51
C PRO A 34 -17.35 2.42 18.11
N THR A 35 -16.85 1.76 17.06
CA THR A 35 -17.50 0.54 16.59
C THR A 35 -16.52 -0.51 16.09
N ASP A 36 -16.93 -1.77 16.15
CA ASP A 36 -16.18 -2.87 15.54
C ASP A 36 -16.94 -3.42 14.33
N LYS A 37 -18.20 -2.96 14.18
CA LYS A 37 -19.10 -3.38 13.10
C LYS A 37 -18.83 -2.60 11.83
N ILE A 38 -17.62 -2.81 11.35
CA ILE A 38 -17.10 -2.18 10.19
C ILE A 38 -16.97 -3.26 9.13
N ALA A 39 -17.52 -2.98 7.95
CA ALA A 39 -17.37 -3.87 6.80
C ALA A 39 -16.47 -3.15 5.78
N ILE A 40 -15.37 -3.77 5.42
CA ILE A 40 -14.48 -3.14 4.45
C ILE A 40 -14.68 -3.80 3.09
N THR A 41 -14.97 -3.01 2.06
CA THR A 41 -15.10 -3.51 0.69
C THR A 41 -14.33 -2.59 -0.26
N GLY A 42 -13.62 -3.18 -1.21
CA GLY A 42 -12.83 -2.41 -2.15
C GLY A 42 -11.59 -1.73 -1.58
N SER A 43 -11.66 -1.21 -0.37
CA SER A 43 -10.52 -0.43 0.19
C SER A 43 -9.51 -1.36 0.85
N VAL A 44 -8.55 -1.85 0.06
CA VAL A 44 -7.44 -2.63 0.65
C VAL A 44 -6.63 -1.68 1.50
N GLU A 45 -6.65 -0.38 1.18
CA GLU A 45 -6.03 0.66 2.03
C GLU A 45 -6.50 0.58 3.47
N SER A 46 -7.81 0.48 3.68
CA SER A 46 -8.39 0.38 5.01
C SER A 46 -8.03 -0.93 5.71
N MET A 47 -7.80 -2.00 4.96
N MET A 47 -7.83 -1.99 4.93
CA MET A 47 -7.33 -3.23 5.60
CA MET A 47 -7.32 -3.27 5.43
C MET A 47 -5.90 -3.08 6.10
C MET A 47 -5.94 -3.09 6.06
N GLU A 48 -5.07 -2.32 5.39
CA GLU A 48 -3.72 -2.07 5.88
C GLU A 48 -3.78 -1.05 7.02
N ASP A 49 -4.74 -0.12 7.00
CA ASP A 49 -4.95 0.75 8.17
C ASP A 49 -5.39 -0.05 9.39
N ALA A 50 -6.22 -1.08 9.18
CA ALA A 50 -6.70 -1.94 10.26
C ALA A 50 -5.53 -2.68 10.82
N LYS A 51 -4.62 -3.08 9.95
CA LYS A 51 -3.44 -3.81 10.37
C LYS A 51 -2.58 -2.96 11.30
N LEU A 52 -2.38 -1.71 10.91
CA LEU A 52 -1.54 -0.81 11.69
C LEU A 52 -2.19 -0.38 13.02
N LEU A 53 -3.52 -0.23 13.02
CA LEU A 53 -4.24 0.22 14.21
C LEU A 53 -4.75 -0.91 15.08
N ASP A 54 -4.49 -2.16 14.68
CA ASP A 54 -4.99 -3.32 15.40
C ASP A 54 -6.53 -3.27 15.54
N VAL A 55 -7.19 -3.02 14.40
CA VAL A 55 -8.65 -3.04 14.31
C VAL A 55 -9.04 -4.35 13.65
N HIS A 56 -10.05 -5.02 14.18
CA HIS A 56 -10.52 -6.30 13.67
C HIS A 56 -11.95 -6.15 13.17
N PRO A 57 -12.06 -5.81 11.88
CA PRO A 57 -13.37 -5.52 11.31
C PRO A 57 -14.25 -6.75 11.23
N GLN A 58 -15.56 -6.52 11.09
CA GLN A 58 -16.53 -7.59 10.94
C GLN A 58 -16.53 -8.09 9.50
N GLY A 59 -16.21 -7.24 8.54
CA GLY A 59 -16.18 -7.64 7.16
C GLY A 59 -14.89 -7.18 6.51
N ALA A 60 -14.31 -8.06 5.73
CA ALA A 60 -13.06 -7.71 5.03
C ALA A 60 -13.05 -8.28 3.65
N ILE A 61 -12.10 -7.81 2.85
CA ILE A 61 -12.02 -8.19 1.43
C ILE A 61 -11.39 -9.56 1.27
N SER A 62 -12.01 -10.40 0.45
CA SER A 62 -11.37 -11.68 0.10
C SER A 62 -10.47 -11.52 -1.14
N PHE A 63 -9.41 -12.33 -1.17
CA PHE A 63 -8.46 -12.34 -2.26
C PHE A 63 -8.45 -13.72 -2.85
N SER A 64 -9.05 -13.87 -4.04
CA SER A 64 -9.25 -15.18 -4.66
C SER A 64 -9.91 -16.15 -3.67
N GLY A 65 -10.88 -15.63 -2.91
CA GLY A 65 -11.64 -16.44 -1.99
C GLY A 65 -11.03 -16.59 -0.60
N LYS A 66 -9.80 -16.09 -0.42
CA LYS A 66 -9.10 -16.26 0.85
C LYS A 66 -8.82 -14.91 1.50
N PHE A 67 -8.50 -14.97 2.79
CA PHE A 67 -7.83 -13.86 3.45
C PHE A 67 -6.33 -14.14 3.42
N PRO A 68 -5.54 -13.29 2.75
CA PRO A 68 -4.08 -13.48 2.68
C PRO A 68 -3.45 -13.61 4.05
N ASP A 69 -2.35 -14.34 4.13
CA ASP A 69 -1.66 -14.54 5.42
C ASP A 69 -1.29 -13.23 6.06
N MET A 70 -0.94 -12.22 5.24
CA MET A 70 -0.62 -10.88 5.75
C MET A 70 -1.80 -10.11 6.39
N PHE A 71 -3.00 -10.62 6.19
CA PHE A 71 -4.19 -10.01 6.76
C PHE A 71 -4.87 -10.91 7.77
N LYS A 72 -4.32 -12.08 8.04
CA LYS A 72 -5.01 -12.94 8.98
C LYS A 72 -5.01 -12.34 10.38
N ASP A 73 -4.11 -11.40 10.64
CA ASP A 73 -4.07 -10.81 11.97
C ASP A 73 -5.35 -10.01 12.25
N ILE A 74 -5.87 -9.33 11.23
CA ILE A 74 -7.06 -8.51 11.46
C ILE A 74 -8.37 -9.03 10.87
N THR A 75 -8.32 -10.18 10.22
CA THR A 75 -9.54 -10.84 9.75
C THR A 75 -10.00 -11.98 10.68
N ASP A 76 -9.44 -12.06 11.89
CA ASP A 76 -9.78 -13.13 12.79
C ASP A 76 -11.23 -13.13 13.26
N LYS A 77 -11.89 -11.98 13.15
CA LYS A 77 -13.30 -11.87 13.49
C LYS A 77 -14.12 -11.43 12.28
N ALA A 78 -13.53 -11.54 11.08
CA ALA A 78 -14.16 -11.07 9.86
C ALA A 78 -14.73 -12.18 9.00
N GLU A 79 -15.79 -11.82 8.28
CA GLU A 79 -16.34 -12.61 7.21
C GLU A 79 -16.09 -11.81 5.91
N PRO A 80 -16.02 -12.49 4.75
CA PRO A 80 -15.71 -11.80 3.49
C PRO A 80 -16.84 -10.85 3.07
N THR A 81 -16.46 -9.74 2.44
CA THR A 81 -17.41 -8.81 1.84
C THR A 81 -17.43 -8.93 0.33
N GLY A 82 -16.71 -9.91 -0.20
CA GLY A 82 -16.51 -10.11 -1.63
C GLY A 82 -15.08 -9.80 -2.02
N GLU A 83 -14.75 -10.05 -3.28
CA GLU A 83 -13.43 -9.70 -3.81
C GLU A 83 -13.33 -8.17 -3.87
N LYS A 84 -12.14 -7.66 -4.10
CA LYS A 84 -11.84 -6.24 -3.91
C LYS A 84 -12.82 -5.39 -4.70
N MET A 85 -12.91 -5.65 -6.00
N MET A 85 -12.95 -5.66 -6.00
CA MET A 85 -13.78 -4.86 -6.89
CA MET A 85 -13.79 -4.82 -6.86
C MET A 85 -15.04 -5.61 -7.29
C MET A 85 -15.18 -5.40 -7.13
N GLU A 86 -15.54 -6.46 -6.39
CA GLU A 86 -16.86 -7.09 -6.54
C GLU A 86 -17.53 -7.20 -5.18
N PRO A 87 -17.96 -6.04 -4.63
CA PRO A 87 -18.67 -6.05 -3.36
C PRO A 87 -19.81 -7.06 -3.40
N ASN A 88 -19.88 -7.91 -2.39
CA ASN A 88 -21.00 -8.81 -2.24
C ASN A 88 -22.06 -8.19 -1.33
N ILE A 89 -23.04 -7.54 -1.96
CA ILE A 89 -24.05 -6.82 -1.21
C ILE A 89 -24.83 -7.73 -0.27
N GLU A 90 -25.10 -8.96 -0.69
CA GLU A 90 -25.81 -9.86 0.20
C GLU A 90 -25.01 -10.10 1.50
N LYS A 91 -23.71 -10.39 1.35
CA LYS A 91 -22.82 -10.60 2.50
C LYS A 91 -22.74 -9.36 3.38
N ILE A 92 -22.65 -8.19 2.75
CA ILE A 92 -22.56 -6.95 3.50
C ILE A 92 -23.85 -6.68 4.26
N LEU A 93 -24.98 -6.84 3.58
CA LEU A 93 -26.29 -6.66 4.20
C LEU A 93 -26.46 -7.56 5.41
N GLU A 94 -26.00 -8.81 5.31
CA GLU A 94 -26.14 -9.78 6.42
C GLU A 94 -25.39 -9.35 7.68
N MET A 95 -24.31 -8.59 7.51
CA MET A 95 -23.50 -8.15 8.64
C MET A 95 -24.13 -7.01 9.44
N LYS A 96 -25.08 -6.31 8.84
CA LYS A 96 -25.71 -5.12 9.45
C LYS A 96 -24.65 -4.20 10.06
N PRO A 97 -23.69 -3.78 9.24
CA PRO A 97 -22.56 -2.99 9.72
C PRO A 97 -22.99 -1.60 10.17
N ASP A 98 -22.25 -1.04 11.13
CA ASP A 98 -22.44 0.34 11.50
C ASP A 98 -21.88 1.27 10.43
N VAL A 99 -20.85 0.81 9.75
CA VAL A 99 -20.25 1.60 8.71
C VAL A 99 -19.62 0.67 7.70
N ILE A 100 -19.73 1.05 6.44
CA ILE A 100 -19.07 0.36 5.38
C ILE A 100 -17.99 1.27 4.85
N LEU A 101 -16.76 0.78 4.93
CA LEU A 101 -15.65 1.45 4.27
C LEU A 101 -15.50 0.89 2.88
N ALA A 102 -15.93 1.67 1.89
CA ALA A 102 -15.87 1.26 0.49
C ALA A 102 -14.68 2.03 -0.10
N SER A 103 -14.57 2.05 -1.43
CA SER A 103 -13.49 2.80 -2.04
C SER A 103 -13.88 3.82 -3.09
N THR A 104 -13.04 4.85 -3.26
CA THR A 104 -13.22 5.85 -4.32
C THR A 104 -12.98 5.21 -5.71
N LYS A 105 -12.49 3.98 -5.72
CA LYS A 105 -12.33 3.24 -6.96
C LYS A 105 -13.67 2.75 -7.49
N PHE A 106 -14.69 2.71 -6.65
CA PHE A 106 -16.01 2.28 -7.08
C PHE A 106 -16.77 3.39 -7.82
N PRO A 107 -17.42 3.05 -8.92
CA PRO A 107 -18.29 4.04 -9.54
C PRO A 107 -19.45 4.47 -8.65
N GLU A 108 -19.99 5.64 -8.95
CA GLU A 108 -21.06 6.19 -8.14
C GLU A 108 -22.25 5.23 -8.03
N LYS A 109 -22.63 4.56 -9.12
CA LYS A 109 -23.71 3.57 -9.10
C LYS A 109 -23.49 2.47 -8.05
N THR A 110 -22.26 1.98 -8.01
CA THR A 110 -21.86 0.94 -7.06
C THR A 110 -21.87 1.47 -5.63
N LEU A 111 -21.36 2.68 -5.42
CA LEU A 111 -21.39 3.26 -4.06
C LEU A 111 -22.82 3.44 -3.58
N GLN A 112 -23.71 3.86 -4.47
CA GLN A 112 -25.12 3.97 -4.12
C GLN A 112 -25.71 2.61 -3.73
N LYS A 113 -25.38 1.57 -4.49
CA LYS A 113 -25.82 0.21 -4.20
C LYS A 113 -25.34 -0.23 -2.81
N ILE A 114 -24.05 -0.04 -2.53
CA ILE A 114 -23.52 -0.41 -1.23
C ILE A 114 -24.24 0.32 -0.09
N SER A 115 -24.62 1.58 -0.31
CA SER A 115 -25.24 2.39 0.74
C SER A 115 -26.61 1.88 1.14
N THR A 116 -27.22 1.02 0.33
CA THR A 116 -28.51 0.43 0.72
C THR A 116 -28.29 -0.58 1.85
N ALA A 117 -27.02 -0.95 2.07
CA ALA A 117 -26.65 -1.91 3.09
C ALA A 117 -26.17 -1.30 4.41
N GLY A 118 -25.88 0.01 4.39
CA GLY A 118 -25.43 0.72 5.58
C GLY A 118 -24.71 1.99 5.21
N THR A 119 -24.43 2.83 6.20
CA THR A 119 -23.69 4.07 6.01
C THR A 119 -22.34 3.76 5.35
N THR A 120 -22.11 4.37 4.21
CA THR A 120 -20.96 4.06 3.37
C THR A 120 -20.04 5.23 3.20
N ILE A 121 -18.77 5.01 3.52
CA ILE A 121 -17.74 6.03 3.29
C ILE A 121 -16.74 5.56 2.22
N PRO A 122 -16.64 6.26 1.07
CA PRO A 122 -15.65 5.86 0.03
C PRO A 122 -14.25 6.28 0.44
N VAL A 123 -13.41 5.32 0.80
CA VAL A 123 -12.05 5.62 1.24
C VAL A 123 -11.17 5.83 0.04
N SER A 124 -10.41 6.90 0.08
CA SER A 124 -9.55 7.27 -1.03
C SER A 124 -8.40 6.30 -1.21
N HIS A 125 -8.10 5.99 -2.47
CA HIS A 125 -6.98 5.10 -2.79
C HIS A 125 -5.71 5.91 -3.13
N ILE A 126 -5.76 7.22 -2.97
CA ILE A 126 -4.64 8.12 -3.33
C ILE A 126 -3.67 8.18 -2.16
N SER A 127 -2.40 7.92 -2.42
CA SER A 127 -1.41 7.79 -1.35
C SER A 127 -1.27 9.05 -0.53
N SER A 128 -1.44 10.20 -1.16
CA SER A 128 -1.32 11.46 -0.44
C SER A 128 -2.37 11.64 0.67
N ASN A 129 -3.42 10.82 0.63
CA ASN A 129 -4.43 10.80 1.69
C ASN A 129 -4.18 9.78 2.78
N TRP A 130 -2.96 9.28 2.89
CA TRP A 130 -2.67 8.21 3.83
C TRP A 130 -2.98 8.54 5.26
N LYS A 131 -2.74 9.78 5.66
CA LYS A 131 -2.97 10.17 7.03
C LYS A 131 -4.46 10.28 7.27
N GLU A 132 -5.16 10.89 6.33
CA GLU A 132 -6.61 11.05 6.44
C GLU A 132 -7.30 9.68 6.50
N ASN A 133 -6.82 8.72 5.73
CA ASN A 133 -7.42 7.35 5.77
C ASN A 133 -7.23 6.68 7.13
N MET A 134 -6.04 6.81 7.70
N MET A 134 -6.01 6.82 7.66
CA MET A 134 -5.80 6.20 8.99
CA MET A 134 -5.66 6.30 8.97
C MET A 134 -6.56 6.92 10.10
C MET A 134 -6.55 6.93 10.04
N MET A 135 -6.67 8.25 9.98
CA MET A 135 -7.46 9.01 10.96
C MET A 135 -8.94 8.69 10.90
N LEU A 136 -9.46 8.47 9.69
CA LEU A 136 -10.84 8.02 9.56
C LEU A 136 -11.02 6.71 10.34
N LEU A 137 -10.15 5.72 10.13
CA LEU A 137 -10.38 4.47 10.83
C LEU A 137 -10.24 4.64 12.37
N ALA A 138 -9.28 5.48 12.76
CA ALA A 138 -9.03 5.82 14.18
C ALA A 138 -10.24 6.46 14.80
N GLN A 139 -10.88 7.38 14.08
CA GLN A 139 -12.11 8.04 14.55
C GLN A 139 -13.29 7.11 14.68
N LEU A 140 -13.37 6.11 13.82
CA LEU A 140 -14.43 5.10 13.92
C LEU A 140 -14.23 4.16 15.09
N THR A 141 -13.00 3.98 15.54
CA THR A 141 -12.66 2.94 16.52
C THR A 141 -12.17 3.43 17.89
N GLY A 142 -12.14 4.74 18.11
CA GLY A 142 -11.66 5.33 19.36
C GLY A 142 -10.16 5.28 19.50
N LYS A 143 -9.47 5.19 18.36
CA LYS A 143 -8.04 5.02 18.37
C LYS A 143 -7.30 6.23 17.80
N GLU A 144 -7.87 7.41 17.97
CA GLU A 144 -7.20 8.64 17.62
C GLU A 144 -5.81 8.82 18.23
N LYS A 145 -5.66 8.54 19.52
CA LYS A 145 -4.37 8.75 20.20
C LYS A 145 -3.30 7.88 19.56
N LYS A 146 -3.63 6.61 19.32
CA LYS A 146 -2.71 5.68 18.68
C LYS A 146 -2.31 6.12 17.25
N ALA A 147 -3.32 6.46 16.44
CA ALA A 147 -3.09 6.96 15.10
C ALA A 147 -2.25 8.24 15.07
N LYS A 148 -2.53 9.18 15.97
CA LYS A 148 -1.73 10.40 16.02
C LYS A 148 -0.27 10.13 16.38
N LYS A 149 -0.03 9.20 17.30
CA LYS A 149 1.33 8.78 17.66
C LYS A 149 2.05 8.13 16.48
N ILE A 150 1.34 7.29 15.73
CA ILE A 150 1.94 6.59 14.59
C ILE A 150 2.36 7.59 13.51
N ILE A 151 1.50 8.57 13.25
CA ILE A 151 1.79 9.63 12.31
C ILE A 151 2.97 10.49 12.78
N ALA A 152 2.95 10.86 14.06
CA ALA A 152 4.03 11.65 14.67
C ALA A 152 5.37 10.89 14.60
N ASP A 153 5.34 9.59 14.90
CA ASP A 153 6.55 8.80 14.85
C ASP A 153 7.05 8.69 13.42
N TYR A 154 6.13 8.55 12.47
CA TYR A 154 6.54 8.46 11.07
C TYR A 154 7.21 9.74 10.63
N GLU A 155 6.61 10.89 10.93
CA GLU A 155 7.23 12.17 10.60
C GLU A 155 8.62 12.31 11.21
N GLN A 156 8.76 11.93 12.49
CA GLN A 156 10.04 12.01 13.17
C GLN A 156 11.05 11.03 12.59
N ASP A 157 10.63 9.81 12.32
CA ASP A 157 11.53 8.80 11.78
C ASP A 157 11.94 9.21 10.39
N LEU A 158 11.02 9.84 9.65
CA LEU A 158 11.35 10.24 8.29
C LEU A 158 12.39 11.36 8.30
N LYS A 159 12.21 12.34 9.17
CA LYS A 159 13.18 13.45 9.28
C LYS A 159 14.55 12.90 9.68
N GLU A 160 14.55 11.98 10.65
CA GLU A 160 15.79 11.36 11.15
C GLU A 160 16.50 10.58 10.04
N THR A 161 15.73 9.77 9.33
CA THR A 161 16.26 8.99 8.21
C THR A 161 16.87 9.91 7.16
N LYS A 162 16.19 11.00 6.84
CA LYS A 162 16.69 11.93 5.83
C LYS A 162 18.01 12.58 6.29
N THR A 163 18.10 12.93 7.57
CA THR A 163 19.38 13.39 8.13
C THR A 163 20.51 12.36 7.97
N LYS A 164 20.20 11.08 8.19
CA LYS A 164 21.17 9.98 8.17
C LYS A 164 21.59 9.49 6.77
N ILE A 165 20.85 9.91 5.75
CA ILE A 165 21.18 9.55 4.37
C ILE A 165 22.10 10.63 3.85
N ASN A 166 23.27 10.25 3.35
CA ASN A 166 24.18 11.29 2.93
C ASN A 166 23.81 11.83 1.56
N ASP A 167 24.44 12.93 1.17
CA ASP A 167 24.04 13.60 -0.06
C ASP A 167 24.22 12.72 -1.27
N LYS A 168 25.24 11.87 -1.26
CA LYS A 168 25.44 10.91 -2.33
C LYS A 168 24.27 9.92 -2.51
N ALA A 169 23.78 9.30 -1.42
CA ALA A 169 22.61 8.44 -1.51
C ALA A 169 21.36 9.21 -1.92
N LYS A 170 21.25 10.42 -1.40
CA LYS A 170 20.14 11.31 -1.74
C LYS A 170 20.09 11.63 -3.24
N ASP A 171 21.26 11.74 -3.87
CA ASP A 171 21.38 12.02 -5.30
C ASP A 171 21.45 10.78 -6.17
N SER A 172 21.28 9.61 -5.57
CA SER A 172 21.42 8.37 -6.31
C SER A 172 20.13 8.04 -7.03
N LYS A 173 20.21 7.07 -7.93
N LYS A 173 20.23 7.08 -7.95
CA LYS A 173 19.06 6.61 -8.70
CA LYS A 173 19.08 6.58 -8.70
C LYS A 173 18.47 5.37 -8.08
C LYS A 173 18.52 5.39 -7.97
N ALA A 174 17.30 5.52 -7.47
CA ALA A 174 16.61 4.37 -6.85
C ALA A 174 15.34 4.06 -7.59
N LEU A 175 14.99 2.79 -7.64
CA LEU A 175 13.84 2.33 -8.39
C LEU A 175 13.14 1.19 -7.67
N VAL A 176 11.80 1.21 -7.71
CA VAL A 176 10.97 0.14 -7.21
C VAL A 176 10.35 -0.59 -8.39
N ILE A 177 10.63 -1.87 -8.50
CA ILE A 177 9.95 -2.72 -9.48
C ILE A 177 9.13 -3.80 -8.76
N ARG A 178 8.05 -4.22 -9.39
CA ARG A 178 7.25 -5.32 -8.90
C ARG A 178 7.08 -6.28 -10.03
N ILE A 179 7.23 -7.57 -9.72
CA ILE A 179 7.09 -8.63 -10.71
C ILE A 179 5.76 -9.31 -10.54
N ARG A 180 4.96 -9.29 -11.60
CA ARG A 180 3.61 -9.83 -11.56
C ARG A 180 3.40 -10.59 -12.87
N GLN A 181 2.93 -11.82 -12.75
CA GLN A 181 2.75 -12.73 -13.88
C GLN A 181 4.03 -12.81 -14.70
N GLY A 182 5.16 -12.77 -14.02
CA GLY A 182 6.46 -12.87 -14.68
C GLY A 182 6.96 -11.64 -15.41
N ASN A 183 6.20 -10.55 -15.34
CA ASN A 183 6.61 -9.32 -15.99
C ASN A 183 7.12 -8.35 -14.95
N ILE A 184 7.98 -7.42 -15.37
CA ILE A 184 8.53 -6.37 -14.50
C ILE A 184 7.75 -5.08 -14.72
N TYR A 185 7.29 -4.48 -13.63
CA TYR A 185 6.50 -3.25 -13.65
C TYR A 185 7.12 -2.15 -12.81
N ILE A 186 6.99 -0.92 -13.29
CA ILE A 186 7.24 0.26 -12.50
C ILE A 186 5.92 1.02 -12.37
N TYR A 187 5.96 2.10 -11.58
CA TYR A 187 4.75 2.78 -11.10
C TYR A 187 4.95 4.28 -11.17
N PRO A 188 3.85 5.05 -11.27
CA PRO A 188 3.99 6.49 -11.24
C PRO A 188 4.66 7.00 -9.99
N GLU A 189 5.13 8.25 -10.09
CA GLU A 189 5.88 8.89 -9.01
C GLU A 189 5.14 8.91 -7.66
N GLN A 190 3.81 9.08 -7.68
CA GLN A 190 3.04 9.22 -6.44
C GLN A 190 2.30 7.93 -6.04
N VAL A 191 2.69 6.81 -6.63
CA VAL A 191 1.92 5.58 -6.49
C VAL A 191 2.85 4.52 -5.91
N TYR A 192 2.26 3.60 -5.17
CA TYR A 192 3.00 2.44 -4.62
C TYR A 192 4.02 2.92 -3.64
N PHE A 193 5.22 2.33 -3.61
CA PHE A 193 6.23 2.79 -2.63
C PHE A 193 6.95 4.06 -3.11
N ASN A 194 6.66 4.49 -4.32
CA ASN A 194 7.29 5.72 -4.86
C ASN A 194 6.93 6.95 -4.11
N SER A 195 5.75 6.98 -3.47
CA SER A 195 5.41 8.16 -2.68
C SER A 195 6.29 8.28 -1.43
N THR A 196 6.88 7.18 -0.96
CA THR A 196 7.84 7.27 0.14
C THR A 196 9.24 7.49 -0.38
N LEU A 197 9.59 6.73 -1.40
CA LEU A 197 10.96 6.78 -1.92
C LEU A 197 11.29 8.16 -2.47
N TYR A 198 10.39 8.68 -3.32
CA TYR A 198 10.65 9.97 -3.93
C TYR A 198 9.96 11.11 -3.19
N GLY A 199 8.71 10.92 -2.80
CA GLY A 199 7.92 12.06 -2.27
C GLY A 199 8.28 12.41 -0.85
N ASP A 200 8.67 11.41 -0.07
CA ASP A 200 9.06 11.62 1.34
C ASP A 200 10.56 11.67 1.54
N LEU A 201 11.27 10.66 1.04
CA LEU A 201 12.72 10.62 1.23
C LEU A 201 13.45 11.63 0.32
N GLY A 202 12.80 12.02 -0.77
CA GLY A 202 13.29 13.12 -1.59
C GLY A 202 14.33 12.68 -2.59
N LEU A 203 14.37 11.38 -2.88
CA LEU A 203 15.17 10.92 -4.01
C LEU A 203 14.47 11.33 -5.31
N LYS A 204 15.24 11.44 -6.38
CA LYS A 204 14.68 11.91 -7.65
C LYS A 204 14.08 10.77 -8.46
N ALA A 205 12.84 10.94 -8.89
CA ALA A 205 12.17 9.89 -9.69
C ALA A 205 12.81 9.93 -11.07
N PRO A 206 13.14 8.74 -11.62
CA PRO A 206 13.66 8.67 -12.99
C PRO A 206 12.57 9.08 -13.97
N ASN A 207 12.98 9.48 -15.17
CA ASN A 207 12.02 9.90 -16.21
C ASN A 207 10.96 8.86 -16.55
N GLU A 208 11.35 7.58 -16.54
CA GLU A 208 10.42 6.47 -16.83
C GLU A 208 9.29 6.44 -15.80
N VAL A 209 9.63 6.72 -14.56
CA VAL A 209 8.62 6.75 -13.52
C VAL A 209 7.77 8.02 -13.67
N LYS A 210 8.39 9.14 -14.00
CA LYS A 210 7.63 10.36 -14.17
C LYS A 210 6.65 10.25 -15.33
N ALA A 211 7.04 9.48 -16.34
CA ALA A 211 6.22 9.30 -17.54
C ALA A 211 5.09 8.29 -17.34
N ALA A 212 5.22 7.39 -16.38
CA ALA A 212 4.20 6.35 -16.14
C ALA A 212 2.90 6.96 -15.68
N LYS A 213 1.79 6.47 -16.24
CA LYS A 213 0.47 6.94 -15.85
C LYS A 213 -0.27 5.94 -14.96
N ALA A 214 0.27 4.73 -14.88
CA ALA A 214 -0.26 3.63 -14.08
C ALA A 214 0.85 2.59 -14.05
N GLN A 215 0.62 1.46 -13.39
CA GLN A 215 1.54 0.32 -13.50
C GLN A 215 1.93 0.12 -14.96
N GLU A 216 3.24 0.06 -15.21
CA GLU A 216 3.80 0.13 -16.54
C GLU A 216 4.89 -0.93 -16.69
N LEU A 217 4.79 -1.75 -17.72
CA LEU A 217 5.84 -2.74 -17.99
C LEU A 217 7.14 -2.04 -18.33
N ILE A 218 8.25 -2.64 -17.87
N ILE A 218 8.27 -2.60 -17.88
N ILE A 218 8.25 -2.56 -17.81
CA ILE A 218 9.60 -2.21 -18.20
CA ILE A 218 9.59 -2.13 -18.31
CA ILE A 218 9.55 -2.23 -18.39
C ILE A 218 10.39 -3.44 -18.67
C ILE A 218 10.53 -3.32 -18.57
C ILE A 218 10.30 -3.47 -18.79
N SER A 219 11.22 -3.27 -19.71
CA SER A 219 12.06 -4.35 -20.18
C SER A 219 13.35 -4.38 -19.39
N LEU A 220 14.00 -5.51 -19.43
CA LEU A 220 15.31 -5.64 -18.80
C LEU A 220 16.31 -4.66 -19.45
N GLU A 221 16.22 -4.50 -20.77
CA GLU A 221 17.08 -3.52 -21.46
C GLU A 221 16.85 -2.09 -21.00
N LYS A 222 15.60 -1.72 -20.71
CA LYS A 222 15.33 -0.37 -20.20
C LYS A 222 15.84 -0.20 -18.77
N LEU A 223 15.72 -1.28 -17.99
CA LEU A 223 16.23 -1.29 -16.63
C LEU A 223 17.76 -1.08 -16.67
N SER A 224 18.39 -1.72 -17.64
CA SER A 224 19.82 -1.64 -17.78
C SER A 224 20.23 -0.25 -18.24
N GLU A 225 19.43 0.38 -19.08
CA GLU A 225 19.72 1.76 -19.45
C GLU A 225 19.58 2.72 -18.28
N MET A 226 18.56 2.51 -17.48
CA MET A 226 18.37 3.28 -16.24
C MET A 226 19.54 3.08 -15.30
N ASN A 227 20.00 1.82 -15.20
CA ASN A 227 21.08 1.39 -14.32
C ASN A 227 21.02 2.02 -12.94
N PRO A 228 19.93 1.76 -12.20
CA PRO A 228 19.81 2.44 -10.92
C PRO A 228 20.90 2.03 -9.91
N ASP A 229 21.19 2.91 -8.98
CA ASP A 229 22.07 2.58 -7.86
C ASP A 229 21.43 1.59 -6.88
N HIS A 230 20.11 1.67 -6.73
CA HIS A 230 19.35 0.89 -5.76
C HIS A 230 18.10 0.37 -6.42
N ILE A 231 17.80 -0.91 -6.27
CA ILE A 231 16.56 -1.44 -6.80
C ILE A 231 15.83 -2.21 -5.72
N PHE A 232 14.61 -1.77 -5.40
CA PHE A 232 13.70 -2.53 -4.53
C PHE A 232 12.84 -3.38 -5.44
N VAL A 233 12.83 -4.69 -5.19
CA VAL A 233 12.10 -5.65 -6.05
C VAL A 233 11.05 -6.30 -5.18
N GLN A 234 9.80 -6.25 -5.61
CA GLN A 234 8.74 -6.93 -4.87
C GLN A 234 8.22 -8.08 -5.71
N PHE A 235 8.16 -9.27 -5.11
CA PHE A 235 7.74 -10.45 -5.82
C PHE A 235 6.91 -11.29 -4.88
N SER A 236 5.64 -11.46 -5.21
CA SER A 236 4.78 -12.37 -4.45
C SER A 236 4.56 -13.62 -5.26
N ASP A 237 4.76 -14.78 -4.65
CA ASP A 237 4.46 -16.03 -5.32
C ASP A 237 3.00 -16.09 -5.75
N ASP A 238 2.12 -15.51 -4.94
CA ASP A 238 0.67 -15.47 -5.20
C ASP A 238 0.32 -14.70 -6.45
N GLU A 239 1.26 -13.90 -6.96
CA GLU A 239 1.00 -13.07 -8.15
C GLU A 239 1.84 -13.54 -9.31
N ASN A 240 2.47 -14.69 -9.13
CA ASN A 240 3.34 -15.27 -10.16
C ASN A 240 3.07 -16.74 -10.36
N ALA A 241 1.93 -17.22 -9.86
CA ALA A 241 1.66 -18.67 -9.82
C ALA A 241 2.06 -19.49 -11.02
N ASP A 242 1.91 -18.89 -12.20
CA ASP A 242 2.19 -19.58 -13.45
C ASP A 242 3.64 -19.35 -13.88
N LYS A 243 4.35 -18.44 -13.21
CA LYS A 243 5.73 -18.10 -13.57
C LYS A 243 6.61 -18.09 -12.33
N PRO A 244 6.65 -19.18 -11.57
CA PRO A 244 7.30 -19.07 -10.27
C PRO A 244 8.79 -18.82 -10.34
N ASP A 245 9.40 -19.12 -11.47
CA ASP A 245 10.84 -18.98 -11.64
C ASP A 245 11.20 -17.66 -12.30
N ALA A 246 10.21 -16.76 -12.46
CA ALA A 246 10.47 -15.50 -13.21
C ALA A 246 11.58 -14.65 -12.60
N LEU A 247 11.63 -14.57 -11.29
CA LEU A 247 12.67 -13.78 -10.65
C LEU A 247 14.02 -14.44 -10.76
N LYS A 248 14.08 -15.75 -10.54
CA LYS A 248 15.37 -16.44 -10.65
C LYS A 248 15.90 -16.40 -12.08
N ASP A 249 15.01 -16.50 -13.06
CA ASP A 249 15.43 -16.36 -14.48
C ASP A 249 15.94 -14.96 -14.77
N LEU A 250 15.34 -13.95 -14.15
CA LEU A 250 15.85 -12.60 -14.28
C LEU A 250 17.25 -12.50 -13.62
N GLU A 251 17.34 -13.01 -12.40
CA GLU A 251 18.58 -12.89 -11.66
C GLU A 251 19.76 -13.62 -12.35
N LYS A 252 19.47 -14.64 -13.15
CA LYS A 252 20.48 -15.37 -13.91
C LYS A 252 20.86 -14.69 -15.22
N ASN A 253 20.09 -13.70 -15.65
CA ASN A 253 20.32 -13.08 -16.97
C ASN A 253 21.59 -12.27 -16.94
N PRO A 254 22.50 -12.48 -17.90
CA PRO A 254 23.77 -11.71 -17.91
C PRO A 254 23.56 -10.20 -17.85
N ILE A 255 22.48 -9.70 -18.45
CA ILE A 255 22.22 -8.25 -18.45
C ILE A 255 21.83 -7.79 -17.04
N TRP A 256 21.06 -8.59 -16.33
CA TRP A 256 20.79 -8.31 -14.91
C TRP A 256 22.08 -8.32 -14.09
N LYS A 257 22.90 -9.35 -14.30
CA LYS A 257 24.14 -9.44 -13.57
C LYS A 257 25.08 -8.24 -13.78
N SER A 258 24.97 -7.57 -14.92
CA SER A 258 25.81 -6.42 -15.27
C SER A 258 25.32 -5.12 -14.65
N LEU A 259 24.12 -5.15 -14.05
CA LEU A 259 23.54 -3.95 -13.47
C LEU A 259 24.40 -3.49 -12.33
N LYS A 260 24.59 -2.17 -12.22
CA LYS A 260 25.35 -1.63 -11.12
C LYS A 260 24.77 -2.05 -9.78
N ALA A 261 23.44 -1.99 -9.66
CA ALA A 261 22.81 -2.34 -8.38
C ALA A 261 23.14 -3.78 -7.97
N VAL A 262 23.18 -4.68 -8.95
CA VAL A 262 23.50 -6.08 -8.71
C VAL A 262 24.97 -6.22 -8.30
N LYS A 263 25.84 -5.58 -9.05
CA LYS A 263 27.27 -5.59 -8.75
C LYS A 263 27.62 -5.02 -7.40
N GLU A 264 26.82 -4.05 -6.93
CA GLU A 264 27.10 -3.35 -5.66
C GLU A 264 26.28 -3.96 -4.52
N ASP A 265 25.56 -5.04 -4.79
CA ASP A 265 24.73 -5.70 -3.79
C ASP A 265 23.68 -4.72 -3.22
N HIS A 266 23.07 -3.96 -4.14
CA HIS A 266 22.08 -2.95 -3.81
C HIS A 266 20.73 -3.28 -4.39
N VAL A 267 20.43 -4.57 -4.48
CA VAL A 267 19.10 -5.02 -4.88
C VAL A 267 18.44 -5.60 -3.64
N TYR A 268 17.21 -5.13 -3.33
CA TYR A 268 16.53 -5.51 -2.10
C TYR A 268 15.21 -6.13 -2.46
N VAL A 269 15.18 -7.45 -2.41
CA VAL A 269 13.98 -8.21 -2.77
C VAL A 269 13.12 -8.41 -1.55
N ASN A 270 11.84 -8.07 -1.67
CA ASN A 270 10.90 -8.24 -0.59
C ASN A 270 11.39 -7.68 0.76
N SER A 271 11.84 -6.43 0.70
CA SER A 271 12.15 -5.65 1.91
C SER A 271 10.88 -5.36 2.75
N VAL A 272 9.74 -5.34 2.08
CA VAL A 272 8.41 -5.24 2.68
C VAL A 272 7.59 -6.43 2.14
N ASP A 273 6.60 -6.88 2.90
CA ASP A 273 5.77 -8.02 2.48
C ASP A 273 5.33 -7.77 1.05
N PRO A 274 5.55 -8.75 0.16
CA PRO A 274 5.28 -8.44 -1.25
C PRO A 274 3.84 -8.18 -1.63
N LEU A 275 2.89 -8.47 -0.74
CA LEU A 275 1.50 -8.14 -1.04
C LEU A 275 1.12 -6.74 -0.60
N ALA A 276 2.06 -6.06 0.03
CA ALA A 276 1.79 -4.69 0.52
C ALA A 276 1.33 -3.72 -0.58
N GLN A 277 0.37 -2.87 -0.23
CA GLN A 277 -0.21 -1.94 -1.16
C GLN A 277 0.77 -0.87 -1.60
N GLY A 278 1.63 -0.44 -0.71
CA GLY A 278 2.70 0.47 -1.05
C GLY A 278 2.52 1.89 -0.55
N GLY A 279 1.32 2.42 -0.65
CA GLY A 279 1.08 3.85 -0.38
C GLY A 279 0.32 4.20 0.90
N THR A 280 -0.08 3.17 1.64
CA THR A 280 -0.78 3.30 2.91
C THR A 280 0.15 3.59 4.06
N ALA A 281 -0.42 3.99 5.18
CA ALA A 281 0.38 4.18 6.39
C ALA A 281 1.23 2.96 6.74
N TRP A 282 0.66 1.77 6.70
CA TRP A 282 1.38 0.58 7.11
C TRP A 282 2.52 0.35 6.15
N SER A 283 2.22 0.39 4.85
CA SER A 283 3.26 0.22 3.86
C SER A 283 4.38 1.26 3.96
N LYS A 284 4.03 2.52 4.22
CA LYS A 284 5.00 3.59 4.31
C LYS A 284 5.90 3.38 5.51
N VAL A 285 5.30 2.97 6.61
CA VAL A 285 6.05 2.73 7.82
C VAL A 285 7.06 1.61 7.57
N ARG A 286 6.62 0.53 6.93
CA ARG A 286 7.52 -0.58 6.69
C ARG A 286 8.58 -0.23 5.65
N PHE A 287 8.20 0.49 4.60
CA PHE A 287 9.17 0.88 3.57
C PHE A 287 10.23 1.84 4.12
N LEU A 288 9.80 2.76 4.98
CA LEU A 288 10.72 3.71 5.60
C LEU A 288 11.77 2.96 6.41
N LYS A 289 11.35 1.95 7.18
CA LYS A 289 12.26 1.13 7.98
C LYS A 289 13.26 0.42 7.07
N ALA A 290 12.75 -0.15 5.98
CA ALA A 290 13.60 -0.83 5.01
C ALA A 290 14.59 0.11 4.32
N ALA A 291 14.08 1.23 3.83
CA ALA A 291 14.91 2.21 3.10
C ALA A 291 15.97 2.77 4.03
N ALA A 292 15.60 3.03 5.27
CA ALA A 292 16.54 3.47 6.30
C ALA A 292 17.71 2.52 6.36
N GLU A 293 17.43 1.23 6.46
CA GLU A 293 18.48 0.22 6.61
C GLU A 293 19.38 0.14 5.39
N LYS A 294 18.81 0.32 4.21
CA LYS A 294 19.56 0.15 2.99
C LYS A 294 20.28 1.41 2.53
N LEU A 295 19.68 2.59 2.75
CA LEU A 295 20.21 3.81 2.14
C LEU A 295 21.01 4.67 3.09
N THR A 296 21.03 4.35 4.38
CA THR A 296 21.70 5.23 5.35
C THR A 296 23.19 4.98 5.24
N GLN A 297 23.96 5.98 5.66
CA GLN A 297 25.37 6.03 5.35
C GLN A 297 26.22 4.84 5.85
N ASN A 298 25.91 4.32 7.04
CA ASN A 298 26.56 3.08 7.49
C ASN A 298 26.34 1.94 6.48
N LYS A 299 25.20 2.01 5.77
CA LYS A 299 24.78 1.12 4.68
C LYS A 299 24.27 -0.23 5.17
#